data_8IJU
#
_entry.id   8IJU
#
_cell.length_a   34.974
_cell.length_b   96.606
_cell.length_c   59.755
_cell.angle_alpha   90.000
_cell.angle_beta   95.510
_cell.angle_gamma   90.000
#
_symmetry.space_group_name_H-M   'P 1 21 1'
#
loop_
_entity.id
_entity.type
_entity.pdbx_description
1 polymer 'ATP-dependent RNA helicase DDX39A'
2 non-polymer 'TRIETHYLENE GLYCOL'
3 non-polymer 'PHOSPHATE ION'
4 non-polymer 1,2-ETHANEDIOL
5 water water
#
_entity_poly.entity_id   1
_entity_poly.type   'polypeptide(L)'
_entity_poly.pdbx_seq_one_letter_code
;GPLGSPGIPMHSSGFRDFLLKPELLRAIVDCGFEHPSEVQHECIPQAILGMDVLCQAKSGMGKTAVFVLATLQQIEPVNG
QVTVLVMCHTRELAFQISKEYERFSKYMPSVKVSVFFGGLSIKKDEEVLKKNCPHVVVGTPGRILALVRNRSFSLKNVKH
FVLDECDKMLEQLDMRRDVQEIFRLTPHEKQCMMFSATLSKDIRPVCRKFMQDPMEVFVDDETKLTLHGLQQYYVKLKDS
EKNRKLFDLLDVLEFNQVIIFVKSVQRCMALAQLLVEQNFPAIAIHRGMAQEERLSRYQQFKDFQRRILVATNLFGRGMD
IERVNIVFNYDMPEDSDTYLHRVARAGRFGTKGLAITFVSDENDAKILNDVQDRFEVNVAELPEEIDISTYIEQSR
;
_entity_poly.pdbx_strand_id   A
#
loop_
_chem_comp.id
_chem_comp.type
_chem_comp.name
_chem_comp.formula
EDO non-polymer 1,2-ETHANEDIOL 'C2 H6 O2'
PGE non-polymer 'TRIETHYLENE GLYCOL' 'C6 H14 O4'
PO4 non-polymer 'PHOSPHATE ION' 'O4 P -3'
#
# COMPACT_ATOMS: atom_id res chain seq x y z
N SER A 13 -1.36 8.38 20.74
CA SER A 13 -0.29 9.06 21.44
C SER A 13 0.59 9.85 20.48
N GLY A 14 1.34 9.12 19.65
CA GLY A 14 2.17 9.78 18.65
C GLY A 14 1.37 10.52 17.60
N PHE A 15 0.14 10.07 17.33
CA PHE A 15 -0.73 10.79 16.40
C PHE A 15 -1.14 12.14 16.99
N ARG A 16 -1.29 12.21 18.32
CA ARG A 16 -1.63 13.49 18.93
C ARG A 16 -0.54 14.52 18.68
N ASP A 17 0.72 14.08 18.62
CA ASP A 17 1.84 14.97 18.34
C ASP A 17 1.76 15.59 16.95
N PHE A 18 1.07 14.94 16.00
CA PHE A 18 0.84 15.50 14.68
C PHE A 18 -0.08 16.72 14.72
N LEU A 19 -0.79 16.94 15.83
CA LEU A 19 -1.70 18.07 15.99
C LEU A 19 -2.95 17.92 15.11
N LEU A 20 -3.37 16.68 14.88
CA LEU A 20 -4.59 16.41 14.12
C LEU A 20 -5.83 16.78 14.94
N LYS A 21 -6.91 17.11 14.23
CA LYS A 21 -8.17 17.42 14.90
C LYS A 21 -8.63 16.27 15.78
N PRO A 22 -9.25 16.56 16.93
CA PRO A 22 -9.70 15.47 17.80
C PRO A 22 -10.63 14.49 17.10
N GLU A 23 -11.44 14.96 16.14
CA GLU A 23 -12.28 14.02 15.39
C GLU A 23 -11.44 13.01 14.62
N LEU A 24 -10.29 13.43 14.08
CA LEU A 24 -9.44 12.47 13.40
C LEU A 24 -8.77 11.52 14.38
N LEU A 25 -8.27 12.06 15.50
CA LEU A 25 -7.64 11.20 16.51
C LEU A 25 -8.58 10.10 16.97
N ARG A 26 -9.85 10.44 17.21
CA ARG A 26 -10.83 9.46 17.66
C ARG A 26 -11.02 8.37 16.61
N ALA A 27 -11.05 8.75 15.33
CA ALA A 27 -11.20 7.75 14.27
C ALA A 27 -9.98 6.87 14.16
N ILE A 28 -8.77 7.45 14.32
CA ILE A 28 -7.55 6.65 14.29
C ILE A 28 -7.59 5.61 15.39
N VAL A 29 -8.04 6.00 16.58
CA VAL A 29 -8.23 5.06 17.69
C VAL A 29 -9.17 3.93 17.27
N ASP A 30 -10.37 4.29 16.80
CA ASP A 30 -11.36 3.28 16.43
C ASP A 30 -10.83 2.32 15.39
N CYS A 31 -9.90 2.77 14.56
CA CYS A 31 -9.31 1.91 13.55
C CYS A 31 -8.25 0.98 14.11
N GLY A 32 -7.98 1.04 15.41
CA GLY A 32 -7.05 0.13 16.06
C GLY A 32 -5.59 0.45 15.88
N PHE A 33 -5.25 1.67 15.50
CA PHE A 33 -3.85 2.05 15.28
C PHE A 33 -3.31 2.65 16.55
N GLU A 34 -2.11 2.24 16.94
CA GLU A 34 -1.55 2.68 18.21
C GLU A 34 -0.63 3.90 18.03
N HIS A 35 0.27 3.82 17.07
CA HIS A 35 1.31 4.81 16.88
C HIS A 35 1.52 4.99 15.39
N PRO A 36 2.02 6.14 14.97
CA PRO A 36 2.26 6.37 13.53
C PRO A 36 3.34 5.44 12.98
N SER A 37 3.20 5.10 11.70
CA SER A 37 4.22 4.39 10.97
C SER A 37 5.37 5.32 10.61
N GLU A 38 6.48 4.71 10.17
CA GLU A 38 7.64 5.51 9.79
C GLU A 38 7.32 6.46 8.65
N VAL A 39 6.60 5.97 7.64
CA VAL A 39 6.23 6.86 6.53
C VAL A 39 5.34 8.00 7.02
N GLN A 40 4.50 7.74 8.02
CA GLN A 40 3.64 8.81 8.54
C GLN A 40 4.45 9.84 9.29
N HIS A 41 5.43 9.41 10.09
CA HIS A 41 6.32 10.38 10.74
C HIS A 41 7.04 11.26 9.71
N GLU A 42 7.42 10.67 8.57
CA GLU A 42 8.15 11.44 7.58
C GLU A 42 7.26 12.40 6.81
N CYS A 43 6.01 12.03 6.55
CA CYS A 43 5.18 12.78 5.60
C CYS A 43 4.11 13.63 6.23
N ILE A 44 3.44 13.17 7.28
CA ILE A 44 2.24 13.84 7.75
C ILE A 44 2.54 15.26 8.24
N PRO A 45 3.59 15.52 9.02
CA PRO A 45 3.77 16.89 9.54
C PRO A 45 3.87 17.92 8.44
N GLN A 46 4.50 17.59 7.33
CA GLN A 46 4.57 18.57 6.26
C GLN A 46 3.38 18.49 5.32
N ALA A 47 2.78 17.30 5.16
CA ALA A 47 1.57 17.22 4.34
C ALA A 47 0.46 18.09 4.93
N ILE A 48 0.34 18.13 6.27
CA ILE A 48 -0.77 18.91 6.81
C ILE A 48 -0.52 20.40 6.74
N LEU A 49 0.71 20.82 6.44
CA LEU A 49 1.02 22.21 6.16
C LEU A 49 0.82 22.58 4.67
N GLY A 50 0.32 21.67 3.85
CA GLY A 50 0.08 21.98 2.46
C GLY A 50 1.23 21.69 1.53
N MET A 51 2.32 21.10 2.03
CA MET A 51 3.48 20.87 1.19
C MET A 51 3.19 19.76 0.18
N ASP A 52 3.77 19.89 -1.01
CA ASP A 52 3.68 18.81 -1.99
C ASP A 52 4.48 17.60 -1.49
N VAL A 53 4.03 16.41 -1.88
CA VAL A 53 4.62 15.16 -1.38
C VAL A 53 4.78 14.20 -2.54
N LEU A 54 5.97 13.60 -2.67
CA LEU A 54 6.20 12.48 -3.58
C LEU A 54 6.68 11.30 -2.73
N CYS A 55 5.88 10.22 -2.69
CA CYS A 55 6.14 9.17 -1.70
C CYS A 55 5.98 7.80 -2.34
N GLN A 56 7.06 7.02 -2.32
CA GLN A 56 6.98 5.60 -2.69
C GLN A 56 7.09 4.79 -1.42
N ALA A 57 6.10 3.94 -1.16
CA ALA A 57 6.13 3.04 -0.03
C ALA A 57 5.37 1.79 -0.38
N LYS A 58 5.88 0.64 0.04
CA LYS A 58 5.19 -0.59 -0.31
C LYS A 58 3.92 -0.75 0.53
N SER A 59 3.08 -1.70 0.11
CA SER A 59 1.85 -1.99 0.84
C SER A 59 2.12 -2.23 2.32
N GLY A 60 1.19 -1.79 3.17
CA GLY A 60 1.31 -2.08 4.58
C GLY A 60 2.30 -1.22 5.34
N MET A 61 2.48 0.02 4.91
CA MET A 61 3.35 0.96 5.61
C MET A 61 2.63 2.21 6.07
N GLY A 62 1.30 2.28 5.91
CA GLY A 62 0.59 3.47 6.33
C GLY A 62 0.52 4.56 5.30
N LYS A 63 0.82 4.25 4.04
CA LYS A 63 0.90 5.26 2.99
C LYS A 63 -0.47 5.91 2.74
N THR A 64 -1.50 5.10 2.58
CA THR A 64 -2.81 5.67 2.24
C THR A 64 -3.27 6.64 3.32
N ALA A 65 -3.05 6.32 4.59
CA ALA A 65 -3.48 7.19 5.67
C ALA A 65 -2.76 8.53 5.66
N VAL A 66 -1.55 8.61 5.09
CA VAL A 66 -0.88 9.90 4.96
C VAL A 66 -1.80 10.88 4.24
N PHE A 67 -2.27 10.52 3.05
CA PHE A 67 -3.05 11.52 2.34
C PHE A 67 -4.49 11.60 2.80
N VAL A 68 -5.09 10.48 3.26
CA VAL A 68 -6.45 10.58 3.81
C VAL A 68 -6.46 11.49 5.04
N LEU A 69 -5.55 11.25 5.99
CA LEU A 69 -5.51 12.09 7.19
C LEU A 69 -5.13 13.52 6.88
N ALA A 70 -4.11 13.74 6.03
CA ALA A 70 -3.67 15.12 5.78
C ALA A 70 -4.75 15.92 5.06
N THR A 71 -5.46 15.31 4.12
CA THR A 71 -6.51 16.07 3.44
C THR A 71 -7.72 16.29 4.33
N LEU A 72 -8.11 15.30 5.15
CA LEU A 72 -9.19 15.54 6.11
C LEU A 72 -8.80 16.59 7.15
N GLN A 73 -7.53 16.64 7.52
CA GLN A 73 -7.08 17.64 8.48
C GLN A 73 -7.29 19.05 7.93
N GLN A 74 -7.07 19.23 6.62
CA GLN A 74 -7.11 20.57 6.02
C GLN A 74 -8.46 20.96 5.46
N ILE A 75 -9.34 19.99 5.19
CA ILE A 75 -10.53 20.26 4.39
C ILE A 75 -11.50 21.18 5.12
N GLU A 76 -12.12 22.08 4.36
CA GLU A 76 -13.15 22.96 4.89
C GLU A 76 -14.33 22.79 3.94
N PRO A 77 -15.26 21.90 4.25
CA PRO A 77 -16.29 21.53 3.27
C PRO A 77 -17.19 22.71 2.92
N VAL A 78 -17.40 22.90 1.62
CA VAL A 78 -18.37 23.86 1.08
C VAL A 78 -19.27 23.10 0.11
N ASN A 79 -20.57 23.13 0.37
CA ASN A 79 -21.49 22.37 -0.47
C ASN A 79 -21.41 22.85 -1.92
N GLY A 80 -21.41 21.89 -2.85
CA GLY A 80 -21.24 22.21 -4.24
C GLY A 80 -19.79 22.37 -4.67
N GLN A 81 -18.83 22.20 -3.75
CA GLN A 81 -17.42 22.40 -4.06
C GLN A 81 -16.64 21.12 -3.81
N VAL A 82 -16.04 20.58 -4.86
CA VAL A 82 -15.08 19.49 -4.72
C VAL A 82 -13.74 20.13 -4.39
N THR A 83 -13.27 19.97 -3.15
CA THR A 83 -11.99 20.55 -2.77
C THR A 83 -10.87 19.53 -2.65
N VAL A 84 -11.17 18.23 -2.64
CA VAL A 84 -10.14 17.20 -2.63
C VAL A 84 -10.43 16.28 -3.80
N LEU A 85 -9.44 16.04 -4.66
CA LEU A 85 -9.55 15.11 -5.77
C LEU A 85 -8.47 14.05 -5.61
N VAL A 86 -8.89 12.78 -5.59
CA VAL A 86 -7.97 11.66 -5.49
C VAL A 86 -8.21 10.75 -6.67
N MET A 87 -7.15 10.46 -7.42
CA MET A 87 -7.26 9.55 -8.55
C MET A 87 -6.26 8.41 -8.47
N CYS A 88 -6.64 7.27 -9.02
CA CYS A 88 -5.69 6.18 -9.16
C CYS A 88 -6.01 5.42 -10.42
N HIS A 89 -5.25 4.36 -10.64
CA HIS A 89 -5.31 3.61 -11.89
C HIS A 89 -6.43 2.57 -11.90
N THR A 90 -6.64 1.84 -10.81
CA THR A 90 -7.56 0.71 -10.81
C THR A 90 -8.86 1.01 -10.08
N ARG A 91 -9.95 0.43 -10.59
CA ARG A 91 -11.26 0.55 -9.96
CA ARG A 91 -11.25 0.56 -9.95
C ARG A 91 -11.20 0.13 -8.50
N GLU A 92 -10.59 -1.02 -8.24
CA GLU A 92 -10.65 -1.57 -6.91
C GLU A 92 -9.93 -0.67 -5.91
N LEU A 93 -8.80 -0.08 -6.32
CA LEU A 93 -8.13 0.83 -5.38
C LEU A 93 -8.92 2.12 -5.20
N ALA A 94 -9.58 2.61 -6.25
CA ALA A 94 -10.44 3.79 -6.08
C ALA A 94 -11.54 3.48 -5.07
N PHE A 95 -12.19 2.32 -5.21
CA PHE A 95 -13.18 1.89 -4.25
C PHE A 95 -12.60 1.82 -2.83
N GLN A 96 -11.43 1.18 -2.68
CA GLN A 96 -10.84 1.03 -1.34
C GLN A 96 -10.42 2.36 -0.73
N ILE A 97 -9.92 3.29 -1.56
CA ILE A 97 -9.55 4.60 -1.01
C ILE A 97 -10.79 5.34 -0.51
N SER A 98 -11.90 5.24 -1.27
CA SER A 98 -13.13 5.89 -0.79
C SER A 98 -13.58 5.31 0.54
N LYS A 99 -13.37 4.00 0.77
CA LYS A 99 -13.70 3.42 2.06
C LYS A 99 -12.75 3.88 3.16
N GLU A 100 -11.48 4.14 2.83
CA GLU A 100 -10.59 4.69 3.85
C GLU A 100 -11.01 6.10 4.24
N TYR A 101 -11.45 6.91 3.27
CA TYR A 101 -11.99 8.21 3.62
C TYR A 101 -13.20 8.08 4.55
N GLU A 102 -14.02 7.05 4.34
CA GLU A 102 -15.19 6.89 5.20
C GLU A 102 -14.78 6.52 6.63
N ARG A 103 -13.80 5.64 6.76
CA ARG A 103 -13.37 5.21 8.09
C ARG A 103 -12.75 6.36 8.88
N PHE A 104 -11.90 7.15 8.25
CA PHE A 104 -11.24 8.21 8.99
C PHE A 104 -12.11 9.44 9.18
N SER A 105 -13.18 9.60 8.40
CA SER A 105 -14.09 10.72 8.62
C SER A 105 -15.30 10.31 9.44
N LYS A 106 -15.20 9.18 10.15
CA LYS A 106 -16.29 8.67 10.99
C LYS A 106 -16.86 9.73 11.92
N TYR A 107 -16.01 10.61 12.45
CA TYR A 107 -16.46 11.65 13.37
C TYR A 107 -16.50 13.03 12.73
N MET A 108 -16.46 13.09 11.39
CA MET A 108 -16.57 14.34 10.65
CA MET A 108 -16.56 14.34 10.63
C MET A 108 -17.78 14.22 9.73
N PRO A 109 -18.99 14.33 10.28
CA PRO A 109 -20.20 14.13 9.45
C PRO A 109 -20.34 15.13 8.31
N SER A 110 -19.73 16.31 8.40
CA SER A 110 -19.96 17.27 7.32
C SER A 110 -19.25 16.90 6.03
N VAL A 111 -18.30 15.97 6.07
CA VAL A 111 -17.48 15.62 4.90
C VAL A 111 -18.20 14.56 4.07
N LYS A 112 -18.38 14.84 2.79
CA LYS A 112 -19.03 13.91 1.88
C LYS A 112 -18.01 13.40 0.84
N VAL A 113 -17.92 12.08 0.72
CA VAL A 113 -17.02 11.40 -0.22
C VAL A 113 -17.87 10.67 -1.24
N SER A 114 -17.53 10.81 -2.53
CA SER A 114 -18.11 10.00 -3.60
C SER A 114 -16.99 9.43 -4.44
N VAL A 115 -17.26 8.30 -5.09
CA VAL A 115 -16.24 7.62 -5.88
C VAL A 115 -16.82 7.35 -7.27
N PHE A 116 -15.96 7.48 -8.29
CA PHE A 116 -16.37 7.37 -9.70
C PHE A 116 -15.28 6.64 -10.47
N PHE A 117 -15.48 5.36 -10.72
CA PHE A 117 -14.52 4.57 -11.49
C PHE A 117 -15.18 3.86 -12.67
N GLY A 118 -16.43 4.17 -12.97
CA GLY A 118 -17.15 3.52 -14.06
C GLY A 118 -18.20 2.51 -13.63
N GLY A 119 -18.36 2.25 -12.33
CA GLY A 119 -19.31 1.25 -11.88
C GLY A 119 -20.76 1.58 -12.17
N LEU A 120 -21.07 2.85 -12.38
CA LEU A 120 -22.38 3.30 -12.82
C LEU A 120 -22.21 3.99 -14.17
N SER A 121 -23.34 4.15 -14.87
CA SER A 121 -23.28 4.89 -16.12
C SER A 121 -22.88 6.33 -15.85
N ILE A 122 -22.42 7.00 -16.91
CA ILE A 122 -22.05 8.40 -16.75
C ILE A 122 -23.26 9.23 -16.33
N LYS A 123 -24.46 8.85 -16.78
CA LYS A 123 -25.65 9.60 -16.40
C LYS A 123 -25.99 9.38 -14.93
N LYS A 124 -25.80 8.15 -14.43
CA LYS A 124 -26.01 7.89 -13.02
C LYS A 124 -24.97 8.60 -12.16
N ASP A 125 -23.72 8.67 -12.62
CA ASP A 125 -22.71 9.46 -11.92
C ASP A 125 -23.11 10.93 -11.84
N GLU A 126 -23.58 11.49 -12.95
CA GLU A 126 -24.07 12.86 -12.94
C GLU A 126 -25.16 13.05 -11.90
N GLU A 127 -26.05 12.07 -11.74
CA GLU A 127 -27.10 12.19 -10.74
C GLU A 127 -26.52 12.16 -9.32
N VAL A 128 -25.56 11.27 -9.07
CA VAL A 128 -24.93 11.22 -7.75
C VAL A 128 -24.23 12.53 -7.44
N LEU A 129 -23.53 13.10 -8.42
CA LEU A 129 -22.81 14.34 -8.19
C LEU A 129 -23.77 15.48 -7.85
N LYS A 130 -24.90 15.57 -8.57
CA LYS A 130 -25.83 16.67 -8.34
CA LYS A 130 -25.84 16.67 -8.35
C LYS A 130 -26.62 16.49 -7.05
N LYS A 131 -26.93 15.25 -6.68
CA LYS A 131 -27.70 15.02 -5.46
C LYS A 131 -26.80 15.14 -4.23
N ASN A 132 -25.66 14.45 -4.25
CA ASN A 132 -24.86 14.30 -3.04
C ASN A 132 -23.87 15.44 -2.83
N CYS A 133 -23.44 16.12 -3.91
CA CYS A 133 -22.48 17.21 -3.82
C CYS A 133 -21.28 16.85 -2.92
N PRO A 134 -20.43 15.91 -3.31
CA PRO A 134 -19.32 15.53 -2.43
C PRO A 134 -18.24 16.59 -2.38
N HIS A 135 -17.54 16.66 -1.23
CA HIS A 135 -16.38 17.51 -1.08
C HIS A 135 -15.10 16.79 -1.46
N VAL A 136 -15.09 15.46 -1.35
CA VAL A 136 -13.97 14.61 -1.72
C VAL A 136 -14.45 13.74 -2.87
N VAL A 137 -13.79 13.82 -4.00
CA VAL A 137 -14.08 12.94 -5.13
C VAL A 137 -12.90 12.02 -5.33
N VAL A 138 -13.17 10.71 -5.40
CA VAL A 138 -12.17 9.70 -5.72
C VAL A 138 -12.58 9.07 -7.04
N GLY A 139 -11.63 8.80 -7.92
CA GLY A 139 -12.01 8.06 -9.12
C GLY A 139 -10.82 7.75 -9.98
N THR A 140 -11.12 7.16 -11.15
CA THR A 140 -10.10 6.93 -12.17
C THR A 140 -10.13 8.06 -13.21
N PRO A 141 -9.01 8.38 -13.86
CA PRO A 141 -8.95 9.64 -14.62
C PRO A 141 -9.87 9.66 -15.83
N GLY A 142 -10.08 8.52 -16.49
CA GLY A 142 -10.97 8.50 -17.64
C GLY A 142 -12.36 8.99 -17.29
N ARG A 143 -12.94 8.43 -16.22
CA ARG A 143 -14.30 8.79 -15.81
C ARG A 143 -14.34 10.21 -15.26
N ILE A 144 -13.34 10.60 -14.45
CA ILE A 144 -13.31 11.96 -13.92
C ILE A 144 -13.27 12.97 -15.07
N LEU A 145 -12.39 12.75 -16.05
CA LEU A 145 -12.29 13.70 -17.15
C LEU A 145 -13.61 13.78 -17.93
N ALA A 146 -14.25 12.64 -18.17
CA ALA A 146 -15.50 12.64 -18.90
C ALA A 146 -16.57 13.41 -18.14
N LEU A 147 -16.60 13.26 -16.82
CA LEU A 147 -17.60 13.96 -16.01
C LEU A 147 -17.36 15.46 -16.02
N VAL A 148 -16.09 15.89 -15.97
CA VAL A 148 -15.85 17.33 -16.04
C VAL A 148 -16.12 17.84 -17.45
N ARG A 149 -15.76 17.04 -18.49
CA ARG A 149 -16.03 17.46 -19.87
C ARG A 149 -17.51 17.69 -20.10
N ASN A 150 -18.36 16.88 -19.47
CA ASN A 150 -19.80 17.00 -19.57
C ASN A 150 -20.38 17.97 -18.55
N ARG A 151 -19.52 18.67 -17.80
CA ARG A 151 -19.93 19.70 -16.85
C ARG A 151 -20.78 19.14 -15.71
N SER A 152 -20.59 17.86 -15.40
CA SER A 152 -21.28 17.25 -14.26
C SER A 152 -20.75 17.74 -12.93
N PHE A 153 -19.47 18.11 -12.87
CA PHE A 153 -18.96 18.88 -11.75
C PHE A 153 -17.79 19.73 -12.24
N SER A 154 -17.38 20.67 -11.38
CA SER A 154 -16.31 21.60 -11.67
C SER A 154 -15.08 21.26 -10.82
N LEU A 155 -13.91 21.43 -11.41
CA LEU A 155 -12.63 21.28 -10.75
C LEU A 155 -12.07 22.61 -10.24
N LYS A 156 -12.81 23.70 -10.39
CA LYS A 156 -12.27 25.02 -10.11
CA LYS A 156 -12.25 25.01 -10.12
C LYS A 156 -12.04 25.29 -8.63
N ASN A 157 -12.53 24.44 -7.73
CA ASN A 157 -12.34 24.61 -6.30
C ASN A 157 -11.34 23.63 -5.69
N VAL A 158 -10.67 22.81 -6.50
CA VAL A 158 -9.78 21.77 -5.97
C VAL A 158 -8.58 22.40 -5.28
N LYS A 159 -8.38 22.04 -4.01
CA LYS A 159 -7.26 22.53 -3.22
CA LYS A 159 -7.24 22.53 -3.24
C LYS A 159 -6.25 21.43 -2.88
N HIS A 160 -6.61 20.16 -3.13
CA HIS A 160 -5.75 19.02 -2.85
C HIS A 160 -5.94 18.01 -3.97
N PHE A 161 -4.85 17.70 -4.66
CA PHE A 161 -4.84 16.87 -5.87
C PHE A 161 -3.91 15.71 -5.56
N VAL A 162 -4.45 14.49 -5.48
CA VAL A 162 -3.70 13.34 -4.99
C VAL A 162 -3.75 12.26 -6.05
N LEU A 163 -2.60 11.69 -6.40
CA LEU A 163 -2.55 10.50 -7.24
C LEU A 163 -2.01 9.35 -6.42
N ASP A 164 -2.63 8.18 -6.55
CA ASP A 164 -2.02 6.96 -6.06
C ASP A 164 -1.79 6.04 -7.26
N GLU A 165 -1.02 4.98 -7.05
CA GLU A 165 -0.50 4.19 -8.19
C GLU A 165 0.07 5.12 -9.25
N CYS A 166 0.76 6.17 -8.83
CA CYS A 166 1.06 7.26 -9.75
C CYS A 166 2.02 6.84 -10.85
N ASP A 167 2.89 5.84 -10.61
CA ASP A 167 3.75 5.39 -11.70
C ASP A 167 2.94 4.69 -12.79
N LYS A 168 1.98 3.84 -12.42
CA LYS A 168 1.09 3.26 -13.42
C LYS A 168 0.38 4.34 -14.23
N MET A 169 -0.12 5.38 -13.56
CA MET A 169 -0.91 6.39 -14.26
C MET A 169 -0.03 7.21 -15.22
N LEU A 170 1.18 7.54 -14.82
CA LEU A 170 2.00 8.49 -15.57
C LEU A 170 2.90 7.81 -16.61
N GLU A 171 3.15 6.52 -16.45
CA GLU A 171 3.90 5.80 -17.48
CA GLU A 171 3.87 5.74 -17.47
C GLU A 171 3.04 5.64 -18.74
N GLN A 172 1.86 5.05 -18.61
CA GLN A 172 0.90 4.88 -19.69
C GLN A 172 0.55 6.25 -20.26
N LEU A 173 1.05 6.55 -21.47
CA LEU A 173 0.91 7.91 -21.99
C LEU A 173 -0.55 8.28 -22.21
N ASP A 174 -1.42 7.28 -22.43
CA ASP A 174 -2.87 7.49 -22.45
C ASP A 174 -3.33 8.21 -21.19
N MET A 175 -3.04 7.61 -20.04
CA MET A 175 -3.52 8.14 -18.79
C MET A 175 -2.79 9.42 -18.43
N ARG A 176 -1.50 9.54 -18.79
CA ARG A 176 -0.77 10.74 -18.43
C ARG A 176 -1.41 11.98 -19.04
N ARG A 177 -1.88 11.87 -20.29
CA ARG A 177 -2.55 12.99 -20.95
C ARG A 177 -3.84 13.34 -20.22
N ASP A 178 -4.65 12.33 -19.87
CA ASP A 178 -5.86 12.58 -19.09
C ASP A 178 -5.56 13.26 -17.76
N VAL A 179 -4.52 12.77 -17.06
CA VAL A 179 -4.14 13.39 -15.78
C VAL A 179 -3.78 14.85 -15.99
N GLN A 180 -2.99 15.14 -17.03
CA GLN A 180 -2.58 16.52 -17.28
C GLN A 180 -3.78 17.39 -17.62
N GLU A 181 -4.72 16.87 -18.40
CA GLU A 181 -5.91 17.65 -18.75
CA GLU A 181 -5.89 17.67 -18.74
C GLU A 181 -6.75 17.95 -17.52
N ILE A 182 -6.84 16.99 -16.59
CA ILE A 182 -7.56 17.22 -15.34
C ILE A 182 -6.79 18.23 -14.49
N PHE A 183 -5.49 18.01 -14.33
CA PHE A 183 -4.63 18.95 -13.61
C PHE A 183 -4.80 20.38 -14.13
N ARG A 184 -4.93 20.53 -15.45
CA ARG A 184 -5.04 21.85 -16.06
C ARG A 184 -6.30 22.60 -15.65
N LEU A 185 -7.36 21.87 -15.31
CA LEU A 185 -8.64 22.46 -14.97
C LEU A 185 -8.76 22.81 -13.49
N THR A 186 -7.77 22.42 -12.66
CA THR A 186 -7.78 22.77 -11.26
C THR A 186 -7.03 24.08 -11.04
N PRO A 187 -7.21 24.72 -9.89
CA PRO A 187 -6.47 25.96 -9.60
C PRO A 187 -4.97 25.69 -9.56
N HIS A 188 -4.18 26.69 -9.99
CA HIS A 188 -2.74 26.55 -9.85
CA HIS A 188 -2.73 26.52 -9.86
C HIS A 188 -2.32 26.49 -8.39
N GLU A 189 -3.07 27.17 -7.53
CA GLU A 189 -2.75 27.21 -6.10
C GLU A 189 -3.40 26.01 -5.42
N LYS A 190 -2.62 24.95 -5.23
CA LYS A 190 -3.15 23.72 -4.66
C LYS A 190 -1.99 22.87 -4.18
N GLN A 191 -2.30 21.96 -3.26
CA GLN A 191 -1.37 20.96 -2.81
C GLN A 191 -1.45 19.75 -3.73
N CYS A 192 -0.29 19.21 -4.10
CA CYS A 192 -0.21 18.05 -4.98
CA CYS A 192 -0.21 18.05 -4.98
C CYS A 192 0.59 16.96 -4.27
N MET A 193 -0.01 15.78 -4.14
CA MET A 193 0.67 14.66 -3.49
C MET A 193 0.54 13.44 -4.38
N MET A 194 1.63 12.71 -4.56
CA MET A 194 1.61 11.53 -5.41
C MET A 194 2.21 10.38 -4.65
N PHE A 195 1.53 9.22 -4.69
CA PHE A 195 1.93 8.03 -3.97
C PHE A 195 1.99 6.84 -4.91
N SER A 196 2.90 5.93 -4.63
CA SER A 196 2.90 4.68 -5.38
C SER A 196 3.61 3.61 -4.58
N ALA A 197 3.25 2.35 -4.82
CA ALA A 197 4.03 1.26 -4.25
C ALA A 197 5.40 1.17 -4.90
N THR A 198 5.51 1.53 -6.18
CA THR A 198 6.77 1.53 -6.92
C THR A 198 6.95 2.86 -7.64
N LEU A 199 8.20 3.34 -7.71
CA LEU A 199 8.52 4.59 -8.43
C LEU A 199 9.89 4.40 -9.08
N SER A 200 9.90 3.98 -10.34
CA SER A 200 11.17 3.84 -11.04
C SER A 200 11.90 5.18 -11.08
N LYS A 201 13.23 5.12 -11.25
CA LYS A 201 14.00 6.34 -11.31
C LYS A 201 13.56 7.21 -12.49
N ASP A 202 13.10 6.58 -13.59
CA ASP A 202 12.74 7.30 -14.79
C ASP A 202 11.44 8.10 -14.61
N ILE A 203 10.54 7.61 -13.75
CA ILE A 203 9.23 8.24 -13.62
C ILE A 203 9.25 9.41 -12.64
N ARG A 204 10.21 9.45 -11.72
CA ARG A 204 10.25 10.52 -10.74
C ARG A 204 10.34 11.92 -11.36
N PRO A 205 11.17 12.18 -12.38
CA PRO A 205 11.17 13.53 -12.97
C PRO A 205 9.82 13.97 -13.49
N VAL A 206 9.04 13.02 -14.02
CA VAL A 206 7.70 13.32 -14.54
C VAL A 206 6.78 13.76 -13.40
N CYS A 207 6.76 13.00 -12.31
CA CYS A 207 5.98 13.39 -11.13
C CYS A 207 6.36 14.77 -10.65
N ARG A 208 7.66 15.09 -10.62
CA ARG A 208 8.12 16.35 -10.04
C ARG A 208 7.60 17.56 -10.82
N LYS A 209 7.32 17.39 -12.11
CA LYS A 209 6.87 18.52 -12.92
C LYS A 209 5.50 19.04 -12.51
N PHE A 210 4.72 18.23 -11.80
CA PHE A 210 3.43 18.65 -11.27
C PHE A 210 3.54 19.35 -9.93
N MET A 211 4.71 19.37 -9.31
CA MET A 211 4.83 19.80 -7.92
C MET A 211 5.75 21.00 -7.78
N GLN A 212 5.76 21.54 -6.57
CA GLN A 212 6.58 22.68 -6.20
C GLN A 212 7.36 22.30 -4.96
N ASP A 213 8.68 22.14 -5.10
CA ASP A 213 9.57 21.83 -3.98
C ASP A 213 9.01 20.74 -3.07
N PRO A 214 8.65 19.58 -3.62
CA PRO A 214 8.00 18.56 -2.78
C PRO A 214 8.98 17.92 -1.83
N MET A 215 8.46 17.47 -0.71
CA MET A 215 9.20 16.52 0.13
CA MET A 215 9.20 16.53 0.12
C MET A 215 9.09 15.14 -0.51
N GLU A 216 10.19 14.40 -0.50
CA GLU A 216 10.25 13.13 -1.20
C GLU A 216 10.66 12.01 -0.26
N VAL A 217 9.97 10.88 -0.36
CA VAL A 217 10.31 9.68 0.40
C VAL A 217 10.30 8.51 -0.55
N PHE A 218 11.39 7.74 -0.59
CA PHE A 218 11.43 6.53 -1.41
C PHE A 218 11.90 5.39 -0.51
N VAL A 219 10.94 4.62 0.01
CA VAL A 219 11.29 3.52 0.92
C VAL A 219 12.21 2.51 0.22
N ASP A 220 11.91 2.17 -1.03
CA ASP A 220 12.65 1.10 -1.70
C ASP A 220 14.11 1.47 -1.91
N ASP A 221 14.40 2.76 -2.07
CA ASP A 221 15.79 3.17 -2.18
C ASP A 221 16.57 2.67 -0.96
N GLU A 222 15.97 2.78 0.21
CA GLU A 222 16.64 2.31 1.43
C GLU A 222 16.68 0.78 1.48
N THR A 223 15.60 0.13 1.06
CA THR A 223 15.52 -1.33 1.08
C THR A 223 16.52 -1.94 0.13
N LYS A 224 16.73 -1.34 -1.04
CA LYS A 224 17.73 -1.81 -1.97
C LYS A 224 19.15 -1.68 -1.41
N LEU A 225 19.37 -0.78 -0.45
CA LEU A 225 20.69 -0.65 0.15
C LEU A 225 20.92 -1.70 1.23
N THR A 226 19.94 -1.91 2.11
CA THR A 226 20.10 -2.89 3.19
C THR A 226 20.07 -4.33 2.70
N LEU A 227 19.62 -4.57 1.46
CA LEU A 227 19.37 -5.93 1.00
C LEU A 227 20.63 -6.79 1.04
N HIS A 228 21.80 -6.19 0.87
CA HIS A 228 23.04 -6.96 0.91
CA HIS A 228 23.05 -6.94 0.91
C HIS A 228 23.33 -7.51 2.30
N GLY A 229 22.69 -6.96 3.33
CA GLY A 229 22.83 -7.49 4.67
C GLY A 229 21.84 -8.58 5.00
N LEU A 230 20.96 -8.90 4.07
CA LEU A 230 19.93 -9.92 4.27
C LEU A 230 20.43 -11.27 3.78
N GLN A 231 20.37 -12.27 4.67
CA GLN A 231 20.63 -13.65 4.27
C GLN A 231 19.50 -14.18 3.40
N GLN A 232 19.80 -14.54 2.17
CA GLN A 232 18.79 -14.95 1.20
C GLN A 232 19.17 -16.29 0.60
N TYR A 233 18.25 -17.24 0.67
CA TYR A 233 18.47 -18.58 0.14
C TYR A 233 17.30 -18.99 -0.74
N TYR A 234 17.55 -19.96 -1.62
CA TYR A 234 16.46 -20.61 -2.33
C TYR A 234 16.54 -22.11 -2.15
N VAL A 235 15.40 -22.77 -2.30
CA VAL A 235 15.31 -24.22 -2.31
C VAL A 235 14.62 -24.64 -3.58
N LYS A 236 15.20 -25.60 -4.30
CA LYS A 236 14.54 -26.16 -5.47
C LYS A 236 13.60 -27.24 -4.99
N LEU A 237 12.30 -27.02 -5.18
CA LEU A 237 11.25 -27.89 -4.67
C LEU A 237 10.07 -27.75 -5.61
N LYS A 238 9.63 -28.86 -6.21
CA LYS A 238 8.32 -28.84 -6.82
C LYS A 238 7.26 -28.69 -5.73
N ASP A 239 6.05 -28.30 -6.15
CA ASP A 239 4.95 -28.10 -5.21
C ASP A 239 4.85 -29.23 -4.21
N SER A 240 4.79 -30.48 -4.70
CA SER A 240 4.52 -31.62 -3.82
C SER A 240 5.59 -31.81 -2.76
N GLU A 241 6.74 -31.15 -2.87
CA GLU A 241 7.78 -31.26 -1.86
C GLU A 241 7.81 -30.07 -0.90
N LYS A 242 6.98 -29.04 -1.15
CA LYS A 242 7.13 -27.78 -0.41
C LYS A 242 6.77 -27.92 1.06
N ASN A 243 5.67 -28.60 1.37
CA ASN A 243 5.23 -28.71 2.76
C ASN A 243 6.22 -29.47 3.62
N ARG A 244 6.69 -30.63 3.15
CA ARG A 244 7.65 -31.39 3.95
C ARG A 244 8.90 -30.57 4.26
N LYS A 245 9.45 -29.88 3.24
CA LYS A 245 10.63 -29.05 3.47
C LYS A 245 10.30 -27.89 4.40
N LEU A 246 9.16 -27.24 4.17
CA LEU A 246 8.73 -26.13 5.03
C LEU A 246 8.58 -26.60 6.47
N PHE A 247 7.85 -27.70 6.68
CA PHE A 247 7.67 -28.22 8.04
C PHE A 247 9.00 -28.50 8.71
N ASP A 248 9.95 -29.10 7.96
CA ASP A 248 11.27 -29.36 8.52
C ASP A 248 12.02 -28.06 8.83
N LEU A 249 11.94 -27.06 7.94
CA LEU A 249 12.64 -25.80 8.22
C LEU A 249 12.02 -25.08 9.42
N LEU A 250 10.69 -25.09 9.51
CA LEU A 250 10.04 -24.42 10.62
C LEU A 250 10.42 -25.04 11.96
N ASP A 251 10.69 -26.34 12.00
CA ASP A 251 11.11 -26.99 13.24
C ASP A 251 12.45 -26.45 13.72
N VAL A 252 13.43 -26.35 12.82
CA VAL A 252 14.77 -25.87 13.19
C VAL A 252 14.81 -24.37 13.41
N LEU A 253 13.88 -23.61 12.82
CA LEU A 253 13.80 -22.16 13.01
C LEU A 253 12.71 -21.75 13.99
N GLU A 254 12.57 -22.46 15.10
CA GLU A 254 11.56 -22.12 16.10
C GLU A 254 11.93 -20.85 16.87
N PHE A 255 10.92 -20.26 17.53
CA PHE A 255 11.01 -19.00 18.29
C PHE A 255 11.31 -17.80 17.40
N ASN A 256 10.99 -17.89 16.11
CA ASN A 256 11.11 -16.77 15.19
C ASN A 256 9.75 -16.38 14.65
N GLN A 257 9.56 -15.08 14.42
CA GLN A 257 8.35 -14.61 13.74
CA GLN A 257 8.35 -14.61 13.74
C GLN A 257 8.54 -14.75 12.24
N VAL A 258 7.60 -15.40 11.59
CA VAL A 258 7.74 -15.80 10.20
C VAL A 258 6.52 -15.34 9.41
N ILE A 259 6.76 -14.79 8.23
CA ILE A 259 5.69 -14.61 7.24
C ILE A 259 5.97 -15.54 6.07
N ILE A 260 4.94 -16.23 5.61
CA ILE A 260 5.00 -17.10 4.44
C ILE A 260 4.07 -16.55 3.37
N PHE A 261 4.63 -16.16 2.23
CA PHE A 261 3.82 -15.60 1.15
C PHE A 261 3.46 -16.71 0.17
N VAL A 262 2.18 -16.77 -0.20
CA VAL A 262 1.67 -17.70 -1.19
C VAL A 262 0.99 -16.90 -2.29
N LYS A 263 0.68 -17.56 -3.40
CA LYS A 263 0.19 -16.82 -4.55
C LYS A 263 -1.33 -16.65 -4.60
N SER A 264 -2.11 -17.32 -3.75
CA SER A 264 -3.57 -17.18 -3.85
C SER A 264 -4.25 -17.32 -2.50
N VAL A 265 -5.52 -16.90 -2.46
CA VAL A 265 -6.31 -16.89 -1.23
C VAL A 265 -6.54 -18.31 -0.71
N GLN A 266 -6.83 -19.26 -1.59
CA GLN A 266 -7.09 -20.62 -1.11
C GLN A 266 -5.80 -21.31 -0.67
N ARG A 267 -4.68 -21.05 -1.36
CA ARG A 267 -3.41 -21.60 -0.87
C ARG A 267 -3.09 -21.02 0.50
N CYS A 268 -3.45 -19.75 0.71
CA CYS A 268 -3.24 -19.09 2.00
C CYS A 268 -4.02 -19.80 3.10
N MET A 269 -5.33 -19.96 2.93
CA MET A 269 -6.13 -20.60 3.97
C MET A 269 -5.71 -22.04 4.20
N ALA A 270 -5.43 -22.77 3.11
CA ALA A 270 -5.13 -24.19 3.23
C ALA A 270 -3.79 -24.43 3.91
N LEU A 271 -2.75 -23.68 3.51
CA LEU A 271 -1.45 -23.84 4.14
C LEU A 271 -1.53 -23.53 5.64
N ALA A 272 -2.20 -22.43 6.00
CA ALA A 272 -2.33 -22.08 7.40
C ALA A 272 -3.06 -23.18 8.17
N GLN A 273 -4.12 -23.72 7.58
CA GLN A 273 -4.84 -24.82 8.24
C GLN A 273 -3.93 -26.04 8.42
N LEU A 274 -3.26 -26.46 7.33
CA LEU A 274 -2.32 -27.57 7.42
C LEU A 274 -1.24 -27.33 8.46
N LEU A 275 -0.74 -26.10 8.55
CA LEU A 275 0.25 -25.77 9.56
C LEU A 275 -0.32 -25.92 10.96
N VAL A 276 -1.54 -25.43 11.19
CA VAL A 276 -2.17 -25.56 12.50
C VAL A 276 -2.39 -27.02 12.84
N GLU A 277 -2.88 -27.81 11.88
CA GLU A 277 -3.05 -29.25 12.10
C GLU A 277 -1.73 -29.93 12.41
N GLN A 278 -0.62 -29.46 11.80
CA GLN A 278 0.72 -29.95 12.12
C GLN A 278 1.26 -29.37 13.41
N ASN A 279 0.43 -28.69 14.20
CA ASN A 279 0.82 -28.13 15.49
C ASN A 279 1.80 -26.95 15.35
N PHE A 280 1.68 -26.16 14.26
CA PHE A 280 2.40 -24.89 14.23
C PHE A 280 1.45 -23.74 14.56
N PRO A 281 1.90 -22.70 15.29
CA PRO A 281 1.02 -21.55 15.65
C PRO A 281 0.88 -20.53 14.52
N ALA A 282 0.14 -20.93 13.50
CA ALA A 282 0.01 -20.19 12.25
C ALA A 282 -1.36 -19.55 12.14
N ILE A 283 -1.44 -18.47 11.35
CA ILE A 283 -2.70 -17.80 11.09
C ILE A 283 -2.67 -17.27 9.66
N ALA A 284 -3.82 -17.25 9.02
CA ALA A 284 -3.95 -16.79 7.64
C ALA A 284 -4.52 -15.38 7.58
N ILE A 285 -3.93 -14.55 6.72
CA ILE A 285 -4.50 -13.25 6.38
C ILE A 285 -4.33 -13.07 4.88
N HIS A 286 -5.42 -12.84 4.17
CA HIS A 286 -5.34 -12.57 2.75
C HIS A 286 -6.04 -11.26 2.44
N ARG A 287 -5.75 -10.73 1.25
CA ARG A 287 -6.17 -9.38 0.95
C ARG A 287 -7.68 -9.25 0.74
N GLY A 288 -8.42 -10.35 0.69
CA GLY A 288 -9.86 -10.27 0.52
C GLY A 288 -10.65 -10.11 1.81
N MET A 289 -10.03 -10.37 2.96
CA MET A 289 -10.69 -10.22 4.23
C MET A 289 -10.97 -8.76 4.53
N ALA A 290 -12.00 -8.52 5.33
CA ALA A 290 -12.34 -7.17 5.74
C ALA A 290 -11.28 -6.62 6.68
N GLN A 291 -11.14 -5.30 6.67
CA GLN A 291 -10.14 -4.62 7.49
C GLN A 291 -10.21 -5.06 8.96
N GLU A 292 -11.41 -5.08 9.55
CA GLU A 292 -11.56 -5.45 10.95
C GLU A 292 -11.04 -6.85 11.21
N GLU A 293 -11.27 -7.78 10.27
CA GLU A 293 -10.77 -9.12 10.45
C GLU A 293 -9.26 -9.18 10.21
N ARG A 294 -8.76 -8.48 9.18
CA ARG A 294 -7.32 -8.47 8.97
C ARG A 294 -6.61 -7.85 10.17
N LEU A 295 -7.20 -6.82 10.76
CA LEU A 295 -6.59 -6.21 11.94
C LEU A 295 -6.59 -7.18 13.11
N SER A 296 -7.71 -7.86 13.35
CA SER A 296 -7.79 -8.76 14.50
C SER A 296 -6.76 -9.87 14.40
N ARG A 297 -6.68 -10.51 13.23
CA ARG A 297 -5.70 -11.57 13.00
C ARG A 297 -4.28 -11.04 13.09
N TYR A 298 -4.03 -9.88 12.50
CA TYR A 298 -2.67 -9.37 12.55
C TYR A 298 -2.23 -9.04 13.98
N GLN A 299 -3.15 -8.56 14.83
CA GLN A 299 -2.76 -8.32 16.22
C GLN A 299 -2.31 -9.60 16.91
N GLN A 300 -2.98 -10.71 16.63
CA GLN A 300 -2.55 -11.99 17.21
CA GLN A 300 -2.55 -11.99 17.21
C GLN A 300 -1.12 -12.33 16.79
N PHE A 301 -0.78 -12.09 15.53
CA PHE A 301 0.55 -12.39 15.04
C PHE A 301 1.58 -11.45 15.67
N LYS A 302 1.27 -10.16 15.74
CA LYS A 302 2.29 -9.20 16.15
C LYS A 302 2.48 -9.15 17.65
N ASP A 303 1.44 -9.44 18.44
CA ASP A 303 1.46 -9.23 19.88
C ASP A 303 1.29 -10.48 20.73
N PHE A 304 0.54 -11.49 20.26
CA PHE A 304 0.12 -12.58 21.12
C PHE A 304 0.62 -13.90 20.56
N GLN A 305 -0.29 -14.81 20.21
CA GLN A 305 0.03 -16.24 20.19
C GLN A 305 0.66 -16.70 18.90
N ARG A 306 0.37 -16.04 17.78
CA ARG A 306 0.70 -16.62 16.50
C ARG A 306 2.10 -16.19 16.10
N ARG A 307 2.91 -17.16 15.66
CA ARG A 307 4.28 -16.94 15.26
C ARG A 307 4.47 -17.04 13.75
N ILE A 308 3.48 -17.56 13.03
CA ILE A 308 3.58 -17.76 11.59
C ILE A 308 2.37 -17.14 10.93
N LEU A 309 2.61 -16.24 10.00
CA LEU A 309 1.55 -15.60 9.25
C LEU A 309 1.64 -16.12 7.82
N VAL A 310 0.58 -16.77 7.34
CA VAL A 310 0.49 -17.13 5.94
C VAL A 310 -0.30 -16.04 5.25
N ALA A 311 0.25 -15.49 4.16
CA ALA A 311 -0.31 -14.28 3.59
C ALA A 311 -0.26 -14.29 2.06
N THR A 312 -1.18 -13.56 1.47
CA THR A 312 -1.06 -13.16 0.07
C THR A 312 -0.40 -11.78 0.01
N ASN A 313 0.03 -11.39 -1.19
CA ASN A 313 0.29 -9.98 -1.46
C ASN A 313 -0.91 -9.15 -0.99
N LEU A 314 -0.62 -7.97 -0.43
CA LEU A 314 -1.57 -6.94 -0.02
C LEU A 314 -2.39 -7.32 1.18
N PHE A 315 -2.00 -8.36 1.93
CA PHE A 315 -2.71 -8.73 3.15
C PHE A 315 -2.77 -7.58 4.14
N GLY A 316 -1.80 -6.69 4.13
CA GLY A 316 -1.74 -5.65 5.13
C GLY A 316 -2.09 -4.27 4.60
N ARG A 317 -2.80 -4.22 3.46
CA ARG A 317 -3.19 -2.93 2.91
C ARG A 317 -3.95 -2.12 3.95
N GLY A 318 -3.63 -0.82 4.05
CA GLY A 318 -4.29 0.01 5.03
C GLY A 318 -3.83 -0.17 6.46
N MET A 319 -2.82 -1.01 6.70
CA MET A 319 -2.32 -1.28 8.04
C MET A 319 -0.82 -1.00 8.07
N ASP A 320 -0.23 -1.11 9.25
CA ASP A 320 1.20 -0.90 9.41
C ASP A 320 1.81 -2.22 9.85
N ILE A 321 2.49 -2.90 8.93
CA ILE A 321 3.03 -4.24 9.17
C ILE A 321 4.48 -4.12 9.61
N GLU A 322 4.77 -4.59 10.82
CA GLU A 322 6.10 -4.52 11.41
C GLU A 322 7.01 -5.59 10.82
N ARG A 323 8.32 -5.39 11.02
CA ARG A 323 9.29 -6.37 10.58
C ARG A 323 9.14 -7.69 11.35
N VAL A 324 9.62 -8.77 10.73
CA VAL A 324 9.62 -10.11 11.30
C VAL A 324 11.05 -10.66 11.19
N ASN A 325 11.24 -11.89 11.68
CA ASN A 325 12.58 -12.49 11.60
C ASN A 325 12.85 -13.14 10.25
N ILE A 326 11.88 -13.87 9.71
CA ILE A 326 12.07 -14.73 8.54
C ILE A 326 10.91 -14.52 7.59
N VAL A 327 11.23 -14.43 6.30
CA VAL A 327 10.21 -14.41 5.25
C VAL A 327 10.44 -15.58 4.31
N PHE A 328 9.37 -16.35 4.05
CA PHE A 328 9.32 -17.38 3.02
C PHE A 328 8.56 -16.89 1.79
N ASN A 329 9.12 -17.17 0.60
CA ASN A 329 8.37 -17.13 -0.66
C ASN A 329 7.98 -18.57 -0.98
N TYR A 330 6.91 -19.02 -0.34
CA TYR A 330 6.44 -20.38 -0.58
C TYR A 330 6.06 -20.57 -2.04
N ASP A 331 5.32 -19.62 -2.59
CA ASP A 331 5.13 -19.45 -4.03
C ASP A 331 5.97 -18.26 -4.50
N MET A 332 6.64 -18.45 -5.63
CA MET A 332 7.52 -17.42 -6.17
C MET A 332 6.76 -16.12 -6.36
N PRO A 333 7.35 -14.98 -5.98
CA PRO A 333 6.72 -13.69 -6.30
C PRO A 333 6.72 -13.47 -7.81
N GLU A 334 5.73 -12.70 -8.26
CA GLU A 334 5.45 -12.56 -9.68
C GLU A 334 6.52 -11.76 -10.42
N ASP A 335 7.25 -10.90 -9.73
CA ASP A 335 8.31 -10.10 -10.34
C ASP A 335 9.28 -9.69 -9.25
N SER A 336 10.30 -8.91 -9.63
CA SER A 336 11.37 -8.58 -8.69
C SER A 336 10.98 -7.45 -7.73
N ASP A 337 10.09 -6.55 -8.15
CA ASP A 337 9.52 -5.59 -7.20
C ASP A 337 8.79 -6.30 -6.07
N THR A 338 8.04 -7.35 -6.42
CA THR A 338 7.28 -8.09 -5.41
C THR A 338 8.20 -8.86 -4.48
N TYR A 339 9.27 -9.46 -5.03
CA TYR A 339 10.28 -10.08 -4.19
C TYR A 339 10.86 -9.09 -3.21
N LEU A 340 11.27 -7.92 -3.70
CA LEU A 340 11.85 -6.91 -2.82
C LEU A 340 10.87 -6.53 -1.71
N HIS A 341 9.62 -6.31 -2.07
CA HIS A 341 8.67 -5.85 -1.07
C HIS A 341 8.34 -6.93 -0.05
N ARG A 342 8.37 -8.20 -0.47
CA ARG A 342 8.10 -9.27 0.47
C ARG A 342 9.25 -9.47 1.45
N VAL A 343 10.49 -9.53 0.95
CA VAL A 343 11.61 -9.85 1.83
C VAL A 343 12.09 -8.66 2.62
N ALA A 344 11.64 -7.45 2.27
CA ALA A 344 12.06 -6.25 2.99
C ALA A 344 11.68 -6.31 4.46
N ARG A 345 10.66 -7.08 4.81
CA ARG A 345 10.30 -7.16 6.22
C ARG A 345 11.09 -8.21 6.98
N ALA A 346 11.99 -8.92 6.34
CA ALA A 346 12.82 -9.88 7.06
C ALA A 346 13.94 -9.16 7.79
N GLY A 347 14.05 -9.38 9.09
CA GLY A 347 15.05 -8.75 9.89
C GLY A 347 14.44 -7.69 10.79
N ARG A 348 14.21 -8.05 12.05
CA ARG A 348 13.77 -7.07 13.01
C ARG A 348 14.92 -6.12 13.34
N PHE A 349 14.56 -4.95 13.87
CA PHE A 349 15.52 -3.86 14.03
C PHE A 349 16.80 -4.34 14.70
N GLY A 350 17.93 -4.04 14.06
CA GLY A 350 19.24 -4.36 14.63
C GLY A 350 19.53 -5.83 14.76
N THR A 351 18.77 -6.69 14.09
CA THR A 351 19.07 -8.12 14.06
C THR A 351 19.21 -8.56 12.61
N LYS A 352 19.53 -9.83 12.44
CA LYS A 352 19.78 -10.42 11.15
C LYS A 352 18.48 -10.97 10.60
N GLY A 353 18.26 -10.80 9.30
CA GLY A 353 17.06 -11.36 8.70
C GLY A 353 17.36 -12.60 7.86
N LEU A 354 16.34 -13.39 7.59
CA LEU A 354 16.47 -14.57 6.73
C LEU A 354 15.32 -14.61 5.74
N ALA A 355 15.64 -14.78 4.46
CA ALA A 355 14.65 -14.96 3.41
C ALA A 355 14.91 -16.30 2.73
N ILE A 356 13.87 -17.10 2.56
CA ILE A 356 13.97 -18.39 1.88
C ILE A 356 12.90 -18.46 0.79
N THR A 357 13.33 -18.72 -0.44
CA THR A 357 12.44 -18.72 -1.60
C THR A 357 12.36 -20.11 -2.20
N PHE A 358 11.14 -20.59 -2.41
CA PHE A 358 10.92 -21.89 -3.07
C PHE A 358 10.89 -21.69 -4.58
N VAL A 359 11.79 -22.35 -5.29
CA VAL A 359 11.83 -22.31 -6.74
C VAL A 359 11.34 -23.64 -7.24
N SER A 360 10.23 -23.62 -7.98
CA SER A 360 9.58 -24.85 -8.41
C SER A 360 9.75 -25.13 -9.90
N ASP A 361 9.92 -24.11 -10.73
CA ASP A 361 10.00 -24.30 -12.18
C ASP A 361 11.04 -23.33 -12.74
N GLU A 362 11.12 -23.29 -14.07
CA GLU A 362 12.12 -22.44 -14.74
C GLU A 362 11.71 -20.97 -14.71
N ASN A 363 10.41 -20.69 -14.83
CA ASN A 363 9.93 -19.32 -14.71
C ASN A 363 10.24 -18.75 -13.34
N ASP A 364 10.13 -19.59 -12.29
CA ASP A 364 10.56 -19.17 -10.97
C ASP A 364 12.03 -18.77 -10.98
N ALA A 365 12.89 -19.62 -11.55
CA ALA A 365 14.32 -19.34 -11.58
C ALA A 365 14.63 -18.05 -12.33
N LYS A 366 13.88 -17.78 -13.40
CA LYS A 366 14.05 -16.54 -14.14
C LYS A 366 13.82 -15.32 -13.25
N ILE A 367 12.75 -15.35 -12.45
CA ILE A 367 12.50 -14.23 -11.55
C ILE A 367 13.64 -14.08 -10.55
N LEU A 368 14.11 -15.20 -9.98
CA LEU A 368 15.19 -15.10 -9.00
C LEU A 368 16.45 -14.49 -9.61
N ASN A 369 16.68 -14.76 -10.90
CA ASN A 369 17.84 -14.18 -11.56
C ASN A 369 17.66 -12.69 -11.80
N ASP A 370 16.47 -12.27 -12.24
CA ASP A 370 16.20 -10.84 -12.35
C ASP A 370 16.37 -10.15 -11.00
N VAL A 371 15.93 -10.81 -9.93
CA VAL A 371 16.13 -10.27 -8.59
C VAL A 371 17.62 -10.07 -8.31
N GLN A 372 18.41 -11.12 -8.50
CA GLN A 372 19.84 -11.02 -8.16
C GLN A 372 20.54 -10.03 -9.07
N ASP A 373 20.13 -9.98 -10.33
CA ASP A 373 20.67 -9.01 -11.29
C ASP A 373 20.34 -7.58 -10.89
N ARG A 374 19.06 -7.31 -10.62
CA ARG A 374 18.63 -5.93 -10.43
C ARG A 374 19.16 -5.35 -9.12
N PHE A 375 19.11 -6.12 -8.04
CA PHE A 375 19.52 -5.61 -6.74
C PHE A 375 20.95 -5.96 -6.38
N GLU A 376 21.68 -6.66 -7.25
CA GLU A 376 23.09 -6.99 -7.05
C GLU A 376 23.32 -7.72 -5.72
N VAL A 377 22.61 -8.83 -5.55
CA VAL A 377 22.71 -9.68 -4.37
C VAL A 377 22.79 -11.13 -4.81
N ASN A 378 23.22 -11.99 -3.89
CA ASN A 378 23.30 -13.43 -4.14
C ASN A 378 22.23 -14.14 -3.33
N VAL A 379 21.37 -14.89 -4.02
CA VAL A 379 20.40 -15.78 -3.36
C VAL A 379 21.00 -17.19 -3.46
N ALA A 380 21.59 -17.66 -2.37
CA ALA A 380 22.32 -18.93 -2.38
C ALA A 380 21.36 -20.12 -2.36
N GLU A 381 21.81 -21.24 -2.91
CA GLU A 381 21.03 -22.46 -2.75
C GLU A 381 21.17 -22.94 -1.31
N LEU A 382 20.04 -23.25 -0.67
CA LEU A 382 20.06 -23.56 0.75
C LEU A 382 20.87 -24.82 1.01
N PRO A 383 21.73 -24.83 2.02
CA PRO A 383 22.53 -26.03 2.30
C PRO A 383 21.65 -27.23 2.68
N GLU A 384 22.30 -28.38 2.83
CA GLU A 384 21.67 -29.57 3.35
C GLU A 384 22.55 -30.16 4.47
N GLU A 385 22.75 -29.34 5.50
CA GLU A 385 23.31 -29.78 6.77
C GLU A 385 22.84 -28.77 7.83
N ILE A 386 23.35 -28.91 9.06
CA ILE A 386 22.85 -28.13 10.19
C ILE A 386 22.93 -26.63 9.90
N ASP A 387 21.94 -25.88 10.38
CA ASP A 387 21.83 -24.44 10.15
C ASP A 387 22.70 -23.61 11.08
N ILE A 388 23.94 -24.04 11.32
CA ILE A 388 24.90 -23.23 12.04
C ILE A 388 26.31 -23.63 11.61
C1 PGE B . 1.31 -5.49 3.35
O1 PGE B . 0.20 -5.62 2.50
C2 PGE B . 2.26 -6.64 3.14
O2 PGE B . 2.77 -6.56 1.83
C3 PGE B . 2.05 -7.36 0.93
C4 PGE B . 1.80 -6.55 -0.33
O4 PGE B . 4.42 -5.96 -0.59
C6 PGE B . 4.58 -7.10 -1.43
C5 PGE B . 3.37 -8.00 -1.39
O3 PGE B . 2.18 -7.24 -1.53
P PO4 C . -1.29 0.71 1.55
O1 PO4 C . -1.90 1.94 2.18
O2 PO4 C . -2.22 0.12 0.52
O3 PO4 C . -1.04 -0.28 2.65
O4 PO4 C . -0.01 1.10 0.84
P PO4 D . -11.65 -3.14 3.43
O1 PO4 D . -12.10 -1.98 2.57
O2 PO4 D . -12.67 -3.45 4.51
O3 PO4 D . -11.45 -4.36 2.55
O4 PO4 D . -10.34 -2.77 4.08
C1 EDO E . -1.60 -2.89 13.58
O1 EDO E . -0.19 -2.59 13.47
C2 EDO E . -2.38 -1.71 13.04
O2 EDO E . -1.86 -1.31 11.76
C1 EDO F . 0.89 26.86 -1.52
O1 EDO F . 2.04 26.97 -2.36
C2 EDO F . 0.40 25.42 -1.43
O2 EDO F . 0.20 24.89 -2.74
C1 EDO G . 4.49 -4.24 -7.06
O1 EDO G . 3.58 -3.36 -6.40
C2 EDO G . 5.47 -4.78 -6.03
O2 EDO G . 4.77 -5.55 -5.05
C1 EDO H . -19.81 19.47 -6.27
O1 EDO H . -19.91 18.74 -5.04
C2 EDO H . -20.35 18.65 -7.44
O2 EDO H . -21.30 19.42 -8.19
C1 EDO I . -19.16 4.95 -10.82
O1 EDO I . -18.46 5.56 -11.91
C2 EDO I . -18.20 4.26 -9.85
O2 EDO I . -18.87 4.03 -8.61
C1 EDO J . -1.83 2.43 10.24
O1 EDO J . -0.63 3.06 10.74
C2 EDO J . -2.63 3.47 9.47
O2 EDO J . -2.87 2.97 8.16
C1 EDO K . 15.49 10.54 -6.22
O1 EDO K . 15.80 10.03 -7.52
C2 EDO K . 16.55 10.16 -5.20
O2 EDO K . 16.37 10.96 -4.03
C1 EDO L . 10.46 13.38 10.96
O1 EDO L . 10.59 11.95 10.89
C2 EDO L . 9.85 13.78 12.31
O2 EDO L . 8.41 13.67 12.23
C1 EDO M . -18.77 10.52 7.62
O1 EDO M . -18.36 11.74 6.96
C2 EDO M . -18.35 9.31 6.81
O2 EDO M . -17.72 8.34 7.66
C1 EDO N . 15.45 0.25 -11.66
O1 EDO N . 16.01 -0.24 -10.44
C2 EDO N . 14.27 1.18 -11.38
O2 EDO N . 14.71 2.40 -10.78
C1 EDO O . 22.96 -15.13 1.92
O1 EDO O . 23.39 -16.06 0.92
C2 EDO O . 23.06 -13.69 1.41
O2 EDO O . 22.58 -13.60 0.06
C1 EDO P . -3.48 10.07 23.88
O1 EDO P . -4.06 10.91 24.88
C2 EDO P . -2.39 9.20 24.52
O2 EDO P . -1.34 10.05 25.00
C1 EDO Q . 10.82 -2.77 5.55
O1 EDO Q . 11.18 -1.43 5.18
C2 EDO Q . 9.67 -2.78 6.55
O2 EDO Q . 8.44 -2.34 5.94
C1 EDO R . -6.93 -24.90 -1.85
O1 EDO R . -5.76 -24.84 -2.68
C2 EDO R . -7.12 -26.33 -1.32
O2 EDO R . -7.02 -27.24 -2.43
C1 EDO S . 4.54 -18.06 -11.05
O1 EDO S . 4.82 -16.65 -11.04
C2 EDO S . 5.30 -18.72 -12.19
O2 EDO S . 6.66 -18.30 -12.15
C1 EDO T . 24.38 -20.45 8.18
O1 EDO T . 25.22 -21.55 8.51
C2 EDO T . 25.18 -19.36 7.49
O2 EDO T . 25.72 -19.84 6.24
C1 EDO U . -21.49 -1.17 -15.40
C1 EDO U . -22.33 1.61 -16.86
O1 EDO U . -22.12 -1.63 -16.59
O1 EDO U . -23.02 2.29 -17.92
C2 EDO U . -22.07 0.21 -15.10
C2 EDO U . -20.83 1.81 -17.03
O2 EDO U . -21.24 1.24 -15.67
O2 EDO U . -20.48 3.20 -17.04
C1 EDO V . -21.30 25.43 2.87
O1 EDO V . -22.13 25.44 1.69
C2 EDO V . -20.50 26.72 3.08
O2 EDO V . -19.70 26.53 4.27
#